data_8W26
#
_entry.id   8W26
#
_cell.length_a   102.846
_cell.length_b   102.846
_cell.length_c   130.516
_cell.angle_alpha   90.000
_cell.angle_beta   90.000
_cell.angle_gamma   90.000
#
_symmetry.space_group_name_H-M   'P 43 21 2'
#
loop_
_entity.id
_entity.type
_entity.pdbx_description
1 polymer 'histidine kinase'
2 non-polymer PHYCOCYANOBILIN
3 non-polymer 1,2-ETHANEDIOL
4 non-polymer 'ACETATE ION'
5 water water
#
_entity_poly.entity_id   1
_entity_poly.type   'polypeptide(L)'
_entity_poly.pdbx_seq_one_letter_code
;(MSE)DTETWAAAARPSRDALINRITHQIRQSLELDQILRATVEEVRAFLGTDRVKVYRFDPEGHGTVVAEARGGERLPS
LLGLTFPAGDIPEEARRLFRLAQVRVIVDVEAQSRSISQPESWGLSARVPLGEPLQRPVDPCHVHYLKS(MSE)GVASSL
VVPL(MSE)HHQELWGLLVSHHAEPRPYSQEELQVVQLLADQVSIAIAQAELLEQARQKAQQERLINQIAALVYSPLHPE
TTLTTVLEQLAAGLQGIGARLRIHF(MSE)GADTLCCHGVQPPASYDTWLQEQLGRAGGAGGWVK(MSE)WSLSHLEKWP
ELQEQ(MSE)KQTPIRGLLVAQLAWNDQPVGWLSVFRGAVYQETHWAGYRWFTQGDPRQELPLISFAAWRELKIDEPKAW
SAAEQEL(MSE)SRVGVHLALSITQNQLYRQLQTLNARLEQEVQERTAASLHHHHHH
;
_entity_poly.pdbx_strand_id   A
#
# COMPACT_ATOMS: atom_id res chain seq x y z
N PRO A 12 -26.63 -23.66 -18.35
CA PRO A 12 -27.32 -24.59 -17.46
C PRO A 12 -27.28 -24.15 -16.00
N SER A 13 -27.11 -25.11 -15.09
CA SER A 13 -26.86 -24.76 -13.69
C SER A 13 -25.55 -24.00 -13.53
N ARG A 14 -24.66 -24.10 -14.52
CA ARG A 14 -23.43 -23.31 -14.51
C ARG A 14 -23.72 -21.82 -14.50
N ASP A 15 -24.64 -21.38 -15.37
CA ASP A 15 -24.95 -19.95 -15.46
C ASP A 15 -25.64 -19.47 -14.19
N ALA A 16 -26.50 -20.29 -13.59
CA ALA A 16 -27.10 -19.90 -12.31
C ALA A 16 -26.05 -19.79 -11.21
N LEU A 17 -25.08 -20.71 -11.20
CA LEU A 17 -24.00 -20.63 -10.23
C LEU A 17 -23.19 -19.36 -10.42
N ILE A 18 -22.86 -19.04 -11.67
CA ILE A 18 -22.09 -17.83 -11.94
C ILE A 18 -22.89 -16.60 -11.54
N ASN A 19 -24.20 -16.62 -11.76
N ASN A 19 -24.19 -16.62 -11.77
CA ASN A 19 -25.02 -15.48 -11.38
CA ASN A 19 -25.06 -15.51 -11.38
C ASN A 19 -25.02 -15.29 -9.86
C ASN A 19 -25.03 -15.30 -9.87
N ARG A 20 -25.19 -16.38 -9.10
CA ARG A 20 -25.18 -16.25 -7.65
C ARG A 20 -23.83 -15.78 -7.14
N ILE A 21 -22.74 -16.35 -7.65
CA ILE A 21 -21.42 -15.96 -7.19
C ILE A 21 -21.12 -14.51 -7.56
N THR A 22 -21.55 -14.08 -8.76
CA THR A 22 -21.33 -12.69 -9.16
C THR A 22 -22.12 -11.75 -8.28
N HIS A 23 -23.36 -12.12 -7.94
CA HIS A 23 -24.12 -11.34 -6.98
C HIS A 23 -23.36 -11.21 -5.67
N GLN A 24 -22.74 -12.31 -5.20
CA GLN A 24 -22.03 -12.27 -3.93
C GLN A 24 -20.76 -11.41 -4.01
N ILE A 25 -20.04 -11.47 -5.14
CA ILE A 25 -18.80 -10.72 -5.29
C ILE A 25 -19.11 -9.22 -5.38
N ARG A 26 -20.16 -8.86 -6.11
CA ARG A 26 -20.50 -7.48 -6.43
C ARG A 26 -21.41 -6.85 -5.39
N GLN A 27 -21.73 -7.56 -4.31
CA GLN A 27 -22.70 -7.04 -3.34
C GLN A 27 -22.19 -5.78 -2.65
N SER A 28 -20.89 -5.73 -2.36
CA SER A 28 -20.28 -4.62 -1.65
C SER A 28 -19.41 -3.79 -2.60
N LEU A 29 -19.26 -2.51 -2.28
CA LEU A 29 -18.24 -1.67 -2.90
C LEU A 29 -16.99 -1.52 -2.03
N GLU A 30 -16.89 -2.30 -0.95
CA GLU A 30 -15.70 -2.34 -0.11
C GLU A 30 -14.75 -3.40 -0.64
N LEU A 31 -13.49 -3.02 -0.90
CA LEU A 31 -12.54 -3.93 -1.53
C LEU A 31 -12.34 -5.19 -0.70
N ASP A 32 -12.21 -5.05 0.62
N ASP A 32 -12.21 -5.05 0.62
CA ASP A 32 -11.97 -6.22 1.47
CA ASP A 32 -11.97 -6.21 1.47
C ASP A 32 -13.12 -7.21 1.38
C ASP A 32 -13.12 -7.21 1.38
N GLN A 33 -14.36 -6.72 1.40
CA GLN A 33 -15.50 -7.61 1.28
C GLN A 33 -15.55 -8.26 -0.10
N ILE A 34 -15.23 -7.49 -1.15
CA ILE A 34 -15.16 -8.03 -2.49
C ILE A 34 -14.20 -9.21 -2.53
N LEU A 35 -12.97 -9.02 -2.04
CA LEU A 35 -11.95 -10.05 -2.16
C LEU A 35 -12.24 -11.25 -1.27
N ARG A 36 -12.85 -11.02 -0.10
N ARG A 36 -12.84 -11.02 -0.10
CA ARG A 36 -13.18 -12.16 0.76
CA ARG A 36 -13.20 -12.14 0.76
C ARG A 36 -14.29 -13.00 0.14
C ARG A 36 -14.28 -12.99 0.12
N ALA A 37 -15.31 -12.35 -0.43
CA ALA A 37 -16.34 -13.10 -1.13
C ALA A 37 -15.75 -13.86 -2.32
N THR A 38 -14.82 -13.21 -3.04
CA THR A 38 -14.17 -13.87 -4.16
C THR A 38 -13.46 -15.16 -3.71
N VAL A 39 -12.56 -15.05 -2.73
CA VAL A 39 -11.77 -16.21 -2.36
C VAL A 39 -12.67 -17.31 -1.80
N GLU A 40 -13.65 -16.93 -0.97
N GLU A 40 -13.64 -16.94 -0.95
CA GLU A 40 -14.52 -17.95 -0.36
CA GLU A 40 -14.53 -17.96 -0.36
C GLU A 40 -15.35 -18.67 -1.42
C GLU A 40 -15.33 -18.67 -1.44
N GLU A 41 -15.98 -17.91 -2.33
CA GLU A 41 -16.83 -18.52 -3.34
C GLU A 41 -16.02 -19.38 -4.31
N VAL A 42 -14.84 -18.91 -4.72
CA VAL A 42 -14.05 -19.69 -5.67
C VAL A 42 -13.53 -20.96 -5.01
N ARG A 43 -13.05 -20.86 -3.76
CA ARG A 43 -12.61 -22.07 -3.06
C ARG A 43 -13.75 -23.05 -2.87
N ALA A 44 -14.96 -22.55 -2.59
CA ALA A 44 -16.11 -23.44 -2.49
C ALA A 44 -16.42 -24.11 -3.82
N PHE A 45 -16.33 -23.35 -4.91
CA PHE A 45 -16.61 -23.90 -6.24
C PHE A 45 -15.59 -24.97 -6.60
N LEU A 46 -14.31 -24.68 -6.43
CA LEU A 46 -13.24 -25.59 -6.82
C LEU A 46 -12.99 -26.69 -5.81
N GLY A 47 -13.39 -26.50 -4.56
CA GLY A 47 -13.10 -27.48 -3.52
C GLY A 47 -11.63 -27.61 -3.17
N THR A 48 -10.82 -26.59 -3.45
CA THR A 48 -9.37 -26.69 -3.25
C THR A 48 -8.98 -26.24 -1.84
N ASP A 49 -7.74 -26.58 -1.47
CA ASP A 49 -7.31 -26.37 -0.08
C ASP A 49 -7.18 -24.90 0.25
N ARG A 50 -6.66 -24.09 -0.68
CA ARG A 50 -6.35 -22.71 -0.34
C ARG A 50 -6.53 -21.82 -1.56
N VAL A 51 -7.36 -20.78 -1.44
CA VAL A 51 -7.54 -19.80 -2.50
C VAL A 51 -7.19 -18.43 -1.93
N LYS A 52 -6.42 -17.66 -2.70
CA LYS A 52 -5.82 -16.42 -2.25
C LYS A 52 -5.88 -15.38 -3.36
N VAL A 53 -5.78 -14.12 -2.96
CA VAL A 53 -5.59 -13.01 -3.88
C VAL A 53 -4.26 -12.36 -3.55
N TYR A 54 -3.40 -12.22 -4.55
CA TYR A 54 -2.16 -11.46 -4.42
C TYR A 54 -2.37 -10.11 -5.09
N ARG A 55 -2.13 -9.04 -4.36
CA ARG A 55 -2.22 -7.70 -4.91
C ARG A 55 -0.81 -7.15 -5.13
N PHE A 56 -0.61 -6.50 -6.28
CA PHE A 56 0.68 -5.90 -6.61
C PHE A 56 0.65 -4.41 -6.29
N ASP A 57 1.78 -3.90 -5.81
CA ASP A 57 1.97 -2.47 -5.60
C ASP A 57 2.62 -1.86 -6.83
N PRO A 58 2.79 -0.53 -6.87
CA PRO A 58 3.39 0.08 -8.07
C PRO A 58 4.75 -0.48 -8.46
N GLU A 59 5.56 -0.90 -7.49
CA GLU A 59 6.86 -1.47 -7.80
C GLU A 59 6.79 -2.95 -8.14
N GLY A 60 5.61 -3.57 -8.06
CA GLY A 60 5.45 -4.96 -8.40
C GLY A 60 5.50 -5.93 -7.24
N HIS A 61 5.76 -5.46 -6.03
CA HIS A 61 5.78 -6.35 -4.87
C HIS A 61 4.37 -6.87 -4.59
N GLY A 62 4.29 -8.10 -4.10
CA GLY A 62 3.04 -8.80 -3.93
C GLY A 62 2.68 -8.98 -2.46
N THR A 63 1.39 -8.87 -2.16
CA THR A 63 0.87 -9.11 -0.81
C THR A 63 -0.32 -10.04 -0.89
N VAL A 64 -0.33 -11.06 -0.05
CA VAL A 64 -1.51 -11.92 0.08
C VAL A 64 -2.57 -11.16 0.86
N VAL A 65 -3.57 -10.64 0.15
CA VAL A 65 -4.55 -9.73 0.74
C VAL A 65 -5.87 -10.40 1.09
N ALA A 66 -6.07 -11.66 0.69
CA ALA A 66 -7.30 -12.37 0.99
C ALA A 66 -7.04 -13.86 0.83
N GLU A 67 -7.76 -14.66 1.60
CA GLU A 67 -7.46 -16.08 1.66
C GLU A 67 -8.65 -16.84 2.20
N ALA A 68 -8.92 -18.00 1.59
CA ALA A 68 -9.93 -18.93 2.05
C ALA A 68 -9.33 -20.33 2.06
N ARG A 69 -9.55 -21.07 3.14
CA ARG A 69 -9.03 -22.43 3.26
C ARG A 69 -10.16 -23.39 3.59
N GLY A 70 -10.09 -24.60 3.02
CA GLY A 70 -11.05 -25.64 3.33
C GLY A 70 -10.75 -26.39 4.61
N GLY A 71 -9.57 -26.18 5.15
CA GLY A 71 -9.19 -26.86 6.38
C GLY A 71 -7.79 -26.41 6.77
N GLU A 72 -7.13 -27.27 7.55
CA GLU A 72 -5.78 -26.99 8.00
C GLU A 72 -4.74 -27.76 7.19
N ARG A 73 -5.12 -28.32 6.04
N ARG A 73 -5.13 -28.33 6.04
CA ARG A 73 -4.17 -29.12 5.26
CA ARG A 73 -4.21 -29.11 5.24
C ARG A 73 -3.05 -28.27 4.69
C ARG A 73 -3.07 -28.25 4.71
N LEU A 74 -3.39 -27.06 4.22
CA LEU A 74 -2.38 -26.10 3.79
C LEU A 74 -2.33 -24.95 4.79
N PRO A 75 -1.15 -24.41 5.09
CA PRO A 75 -1.07 -23.34 6.08
C PRO A 75 -1.57 -22.02 5.51
N SER A 76 -1.90 -21.11 6.43
CA SER A 76 -2.35 -19.79 6.05
C SER A 76 -1.17 -18.93 5.60
N LEU A 77 -1.39 -18.16 4.53
CA LEU A 77 -0.38 -17.22 4.02
C LEU A 77 -0.87 -15.78 4.04
N LEU A 78 -2.05 -15.53 4.60
CA LEU A 78 -2.63 -14.19 4.56
C LEU A 78 -1.67 -13.16 5.16
N GLY A 79 -1.52 -12.03 4.46
CA GLY A 79 -0.67 -10.96 4.92
C GLY A 79 0.78 -11.06 4.50
N LEU A 80 1.18 -12.17 3.89
CA LEU A 80 2.55 -12.33 3.46
C LEU A 80 2.88 -11.37 2.31
N THR A 81 4.09 -10.84 2.33
CA THR A 81 4.59 -9.95 1.29
C THR A 81 5.84 -10.56 0.68
N PHE A 82 6.02 -10.37 -0.62
CA PHE A 82 7.17 -10.95 -1.32
C PHE A 82 7.68 -10.00 -2.38
N PRO A 83 8.98 -10.02 -2.68
CA PRO A 83 9.55 -9.06 -3.63
C PRO A 83 9.09 -9.31 -5.05
N ALA A 84 9.06 -8.21 -5.82
CA ALA A 84 8.58 -8.28 -7.20
C ALA A 84 9.33 -9.31 -8.02
N GLY A 85 10.63 -9.50 -7.73
CA GLY A 85 11.46 -10.44 -8.48
C GLY A 85 11.06 -11.89 -8.34
N ASP A 86 10.23 -12.23 -7.36
CA ASP A 86 9.80 -13.62 -7.22
C ASP A 86 8.95 -14.07 -8.39
N ILE A 87 8.30 -13.13 -9.07
CA ILE A 87 7.61 -13.38 -10.33
C ILE A 87 8.35 -12.61 -11.42
N PRO A 88 9.07 -13.29 -12.33
CA PRO A 88 9.81 -12.57 -13.36
C PRO A 88 8.89 -11.77 -14.28
N GLU A 89 9.48 -10.78 -14.93
CA GLU A 89 8.76 -10.01 -15.93
C GLU A 89 8.27 -10.87 -17.07
N GLU A 90 8.95 -11.99 -17.35
CA GLU A 90 8.49 -12.89 -18.40
C GLU A 90 7.16 -13.52 -18.05
N ALA A 91 6.89 -13.78 -16.77
CA ALA A 91 5.59 -14.30 -16.37
C ALA A 91 4.54 -13.19 -16.35
N ARG A 92 4.91 -12.02 -15.85
CA ARG A 92 3.97 -10.90 -15.82
C ARG A 92 3.56 -10.46 -17.22
N ARG A 93 4.43 -10.68 -18.22
CA ARG A 93 4.06 -10.44 -19.60
C ARG A 93 2.85 -11.28 -20.01
N LEU A 94 2.96 -12.60 -19.80
CA LEU A 94 1.84 -13.49 -20.10
C LEU A 94 0.60 -13.12 -19.31
N PHE A 95 0.77 -12.73 -18.04
CA PHE A 95 -0.39 -12.37 -17.22
C PHE A 95 -1.06 -11.09 -17.72
N ARG A 96 -0.28 -10.07 -18.06
CA ARG A 96 -0.84 -8.85 -18.65
C ARG A 96 -1.47 -9.13 -20.01
N LEU A 97 -1.13 -10.24 -20.64
CA LEU A 97 -1.86 -10.68 -21.82
C LEU A 97 -2.98 -11.68 -21.48
N ALA A 98 -3.48 -11.64 -20.23
CA ALA A 98 -4.62 -12.42 -19.76
C ALA A 98 -4.44 -13.91 -20.01
N GLN A 99 -3.78 -14.60 -19.08
CA GLN A 99 -3.29 -15.94 -19.33
C GLN A 99 -3.36 -16.75 -18.03
N VAL A 100 -4.12 -17.83 -18.03
CA VAL A 100 -4.23 -18.64 -16.83
C VAL A 100 -3.20 -19.76 -16.90
N ARG A 101 -2.60 -20.07 -15.75
N ARG A 101 -2.59 -20.05 -15.76
CA ARG A 101 -1.52 -21.06 -15.68
CA ARG A 101 -1.52 -21.05 -15.66
C ARG A 101 -1.86 -22.10 -14.63
C ARG A 101 -1.90 -22.09 -14.62
N VAL A 102 -1.90 -23.37 -15.02
CA VAL A 102 -2.21 -24.46 -14.11
C VAL A 102 -1.07 -25.48 -14.14
N ILE A 103 -0.58 -25.83 -12.96
CA ILE A 103 0.32 -26.97 -12.75
C ILE A 103 -0.49 -28.06 -12.05
N VAL A 104 -0.83 -29.11 -12.80
CA VAL A 104 -1.63 -30.19 -12.23
C VAL A 104 -0.80 -31.08 -11.32
N ASP A 105 0.38 -31.47 -11.79
CA ASP A 105 1.30 -32.30 -11.02
C ASP A 105 2.60 -31.53 -10.84
N VAL A 106 2.99 -31.32 -9.57
CA VAL A 106 4.29 -30.73 -9.31
C VAL A 106 5.40 -31.75 -9.53
N GLU A 107 5.11 -33.03 -9.30
CA GLU A 107 6.11 -34.08 -9.54
C GLU A 107 6.31 -34.31 -11.02
N ALA A 108 5.24 -34.23 -11.82
CA ALA A 108 5.41 -34.34 -13.27
C ALA A 108 5.96 -33.06 -13.88
N GLN A 109 5.88 -31.94 -13.15
CA GLN A 109 6.45 -30.66 -13.59
C GLN A 109 5.85 -30.21 -14.92
N SER A 110 4.54 -30.35 -15.04
CA SER A 110 3.80 -29.93 -16.21
C SER A 110 3.20 -28.54 -15.98
N ARG A 111 2.99 -27.82 -17.09
CA ARG A 111 2.51 -26.45 -17.05
C ARG A 111 1.56 -26.23 -18.22
N SER A 112 0.27 -26.21 -17.93
CA SER A 112 -0.74 -25.89 -18.94
C SER A 112 -1.07 -24.41 -18.90
N ILE A 113 -1.29 -23.84 -20.07
CA ILE A 113 -1.51 -22.41 -20.24
C ILE A 113 -2.76 -22.22 -21.10
N SER A 114 -3.71 -21.44 -20.61
CA SER A 114 -4.99 -21.29 -21.28
C SER A 114 -5.39 -19.82 -21.40
N GLN A 115 -6.19 -19.53 -22.43
CA GLN A 115 -6.73 -18.22 -22.73
C GLN A 115 -8.24 -18.20 -22.48
N PRO A 116 -8.83 -17.01 -22.30
CA PRO A 116 -10.29 -16.92 -22.12
C PRO A 116 -11.06 -17.28 -23.39
N GLU A 117 -12.38 -17.11 -23.36
CA GLU A 117 -13.27 -17.45 -24.47
C GLU A 117 -13.11 -18.91 -24.88
N LEU A 131 -0.62 -28.87 -25.67
CA LEU A 131 -1.56 -28.60 -24.59
C LEU A 131 -0.84 -28.55 -23.24
N GLN A 132 0.43 -28.93 -23.23
CA GLN A 132 1.23 -28.98 -22.01
C GLN A 132 2.61 -28.41 -22.29
N ARG A 133 3.13 -27.62 -21.35
CA ARG A 133 4.41 -26.95 -21.48
C ARG A 133 5.26 -27.22 -20.25
N PRO A 134 6.58 -27.08 -20.36
CA PRO A 134 7.43 -27.20 -19.17
C PRO A 134 7.32 -25.98 -18.27
N VAL A 135 7.77 -26.15 -17.04
CA VAL A 135 7.72 -25.12 -16.00
C VAL A 135 9.11 -24.95 -15.40
N ASP A 136 9.45 -23.72 -15.05
CA ASP A 136 10.77 -23.42 -14.49
C ASP A 136 11.01 -24.26 -13.23
N PRO A 137 12.21 -24.82 -13.06
CA PRO A 137 12.47 -25.68 -11.89
C PRO A 137 12.47 -24.94 -10.57
N CYS A 138 12.84 -23.65 -10.55
N CYS A 138 12.84 -23.65 -10.55
CA CYS A 138 12.84 -22.91 -9.30
CA CYS A 138 12.84 -22.91 -9.30
C CYS A 138 11.42 -22.76 -8.75
C CYS A 138 11.42 -22.76 -8.75
N HIS A 139 10.45 -22.48 -9.62
CA HIS A 139 9.07 -22.38 -9.17
C HIS A 139 8.51 -23.73 -8.75
N VAL A 140 8.93 -24.81 -9.41
CA VAL A 140 8.54 -26.14 -8.98
C VAL A 140 9.07 -26.44 -7.58
N HIS A 141 10.36 -26.14 -7.35
CA HIS A 141 10.93 -26.32 -6.02
C HIS A 141 10.19 -25.48 -5.00
N TYR A 142 9.79 -24.26 -5.37
CA TYR A 142 9.04 -23.40 -4.47
C TYR A 142 7.72 -24.03 -4.07
N LEU A 143 6.94 -24.47 -5.07
CA LEU A 143 5.64 -25.08 -4.78
C LEU A 143 5.80 -26.37 -3.97
N LYS A 144 6.82 -27.19 -4.28
CA LYS A 144 7.06 -28.39 -3.50
C LYS A 144 7.37 -28.04 -2.05
N SER A 145 8.22 -27.04 -1.84
CA SER A 145 8.61 -26.66 -0.49
C SER A 145 7.41 -26.22 0.35
N GLY A 147 4.50 -27.58 0.09
CA GLY A 147 3.58 -28.69 0.13
C GLY A 147 2.41 -28.52 -0.82
N VAL A 148 2.60 -27.78 -1.91
CA VAL A 148 1.56 -27.53 -2.89
C VAL A 148 1.74 -28.52 -4.05
N ALA A 149 0.71 -29.32 -4.31
CA ALA A 149 0.75 -30.27 -5.41
C ALA A 149 0.14 -29.75 -6.70
N SER A 150 -0.83 -28.83 -6.61
CA SER A 150 -1.53 -28.34 -7.78
C SER A 150 -1.76 -26.84 -7.63
N SER A 151 -1.60 -26.11 -8.73
CA SER A 151 -1.68 -24.66 -8.72
C SER A 151 -2.49 -24.16 -9.91
N LEU A 152 -3.40 -23.21 -9.66
CA LEU A 152 -4.14 -22.54 -10.71
C LEU A 152 -4.07 -21.04 -10.45
N VAL A 153 -3.52 -20.30 -11.40
CA VAL A 153 -3.32 -18.86 -11.27
C VAL A 153 -4.04 -18.18 -12.43
N VAL A 154 -4.94 -17.26 -12.08
CA VAL A 154 -5.71 -16.48 -13.04
C VAL A 154 -5.38 -15.02 -12.79
N PRO A 155 -5.08 -14.22 -13.83
CA PRO A 155 -4.70 -12.83 -13.62
C PRO A 155 -5.91 -11.96 -13.32
N LEU A 156 -5.67 -10.89 -12.54
CA LEU A 156 -6.70 -9.92 -12.21
C LEU A 156 -6.31 -8.57 -12.79
N HIS A 158 -6.74 -4.54 -13.97
CA HIS A 158 -7.38 -3.26 -13.68
C HIS A 158 -7.05 -2.31 -14.84
N HIS A 159 -8.07 -1.95 -15.60
CA HIS A 159 -7.89 -1.26 -16.87
C HIS A 159 -6.93 -2.06 -17.74
N GLN A 160 -5.71 -1.57 -17.92
CA GLN A 160 -4.73 -2.25 -18.73
C GLN A 160 -3.62 -2.92 -17.93
N GLU A 161 -3.60 -2.74 -16.62
CA GLU A 161 -2.49 -3.22 -15.80
C GLU A 161 -2.86 -4.49 -15.04
N LEU A 162 -1.83 -5.15 -14.51
CA LEU A 162 -1.99 -6.38 -13.76
C LEU A 162 -2.12 -6.02 -12.28
N TRP A 163 -3.36 -5.93 -11.81
CA TRP A 163 -3.64 -5.53 -10.44
C TRP A 163 -3.22 -6.62 -9.45
N GLY A 164 -3.35 -7.88 -9.84
CA GLY A 164 -3.06 -8.98 -8.94
C GLY A 164 -3.37 -10.31 -9.59
N LEU A 165 -3.39 -11.34 -8.75
CA LEU A 165 -3.59 -12.71 -9.19
C LEU A 165 -4.56 -13.44 -8.26
N LEU A 166 -5.42 -14.26 -8.86
CA LEU A 166 -6.24 -15.22 -8.14
C LEU A 166 -5.53 -16.56 -8.15
N VAL A 167 -5.25 -17.13 -6.99
CA VAL A 167 -4.36 -18.29 -6.86
C VAL A 167 -5.09 -19.38 -6.10
N SER A 168 -5.09 -20.59 -6.65
CA SER A 168 -5.66 -21.77 -5.99
C SER A 168 -4.57 -22.82 -5.85
N HIS A 169 -4.28 -23.21 -4.61
CA HIS A 169 -3.31 -24.25 -4.28
C HIS A 169 -4.02 -25.42 -3.63
N HIS A 170 -3.54 -26.62 -3.92
CA HIS A 170 -4.08 -27.86 -3.40
C HIS A 170 -2.92 -28.79 -3.02
N ALA A 171 -3.09 -29.49 -1.90
CA ALA A 171 -2.02 -30.33 -1.36
C ALA A 171 -1.90 -31.68 -2.04
N GLU A 172 -2.95 -32.17 -2.65
CA GLU A 172 -2.90 -33.36 -3.49
C GLU A 172 -3.05 -32.96 -4.94
N PRO A 173 -2.64 -33.80 -5.88
CA PRO A 173 -2.82 -33.46 -7.29
C PRO A 173 -4.29 -33.41 -7.66
N ARG A 174 -4.63 -32.48 -8.56
CA ARG A 174 -5.98 -32.52 -9.10
C ARG A 174 -6.00 -31.80 -10.44
N PRO A 175 -6.63 -32.37 -11.47
CA PRO A 175 -6.76 -31.64 -12.73
C PRO A 175 -7.79 -30.53 -12.59
N TYR A 176 -8.08 -29.83 -13.69
CA TYR A 176 -9.11 -28.80 -13.68
C TYR A 176 -9.94 -28.93 -14.96
N SER A 177 -11.26 -29.03 -14.78
CA SER A 177 -12.17 -29.06 -15.91
C SER A 177 -12.07 -27.76 -16.72
N GLN A 178 -12.41 -27.87 -18.01
CA GLN A 178 -12.45 -26.68 -18.85
C GLN A 178 -13.59 -25.75 -18.45
N GLU A 179 -14.72 -26.33 -18.03
CA GLU A 179 -15.81 -25.50 -17.54
C GLU A 179 -15.44 -24.82 -16.22
N GLU A 180 -14.67 -25.52 -15.37
CA GLU A 180 -14.14 -24.88 -14.18
C GLU A 180 -13.25 -23.70 -14.55
N LEU A 181 -12.37 -23.87 -15.54
CA LEU A 181 -11.54 -22.77 -16.00
C LEU A 181 -12.39 -21.59 -16.46
N GLN A 182 -13.44 -21.85 -17.23
CA GLN A 182 -14.22 -20.73 -17.75
C GLN A 182 -15.06 -20.07 -16.65
N VAL A 183 -15.55 -20.84 -15.68
CA VAL A 183 -16.25 -20.25 -14.54
C VAL A 183 -15.32 -19.33 -13.77
N VAL A 184 -14.10 -19.79 -13.47
CA VAL A 184 -13.16 -18.96 -12.73
C VAL A 184 -12.78 -17.72 -13.55
N GLN A 185 -12.68 -17.86 -14.87
CA GLN A 185 -12.35 -16.71 -15.70
C GLN A 185 -13.46 -15.66 -15.66
N LEU A 186 -14.71 -16.10 -15.81
CA LEU A 186 -15.82 -15.16 -15.77
C LEU A 186 -15.93 -14.49 -14.41
N LEU A 187 -15.74 -15.26 -13.33
CA LEU A 187 -15.73 -14.67 -12.00
C LEU A 187 -14.59 -13.67 -11.87
N ALA A 188 -13.44 -13.95 -12.50
CA ALA A 188 -12.33 -13.00 -12.44
C ALA A 188 -12.68 -11.70 -13.16
N ASP A 189 -13.40 -11.80 -14.26
CA ASP A 189 -13.83 -10.57 -14.94
C ASP A 189 -14.76 -9.76 -14.06
N GLN A 190 -15.69 -10.43 -13.37
CA GLN A 190 -16.55 -9.71 -12.43
C GLN A 190 -15.75 -9.11 -11.28
N VAL A 191 -14.72 -9.83 -10.80
CA VAL A 191 -13.86 -9.30 -9.74
C VAL A 191 -13.14 -8.05 -10.22
N SER A 192 -12.70 -8.05 -11.47
CA SER A 192 -12.05 -6.89 -12.04
C SER A 192 -13.00 -5.69 -12.06
N ILE A 193 -14.24 -5.91 -12.49
CA ILE A 193 -15.21 -4.81 -12.51
C ILE A 193 -15.46 -4.28 -11.10
N ALA A 194 -15.65 -5.20 -10.14
CA ALA A 194 -15.87 -4.78 -8.76
C ALA A 194 -14.69 -3.99 -8.23
N ILE A 195 -13.47 -4.38 -8.60
CA ILE A 195 -12.28 -3.64 -8.16
C ILE A 195 -12.34 -2.21 -8.69
N ALA A 196 -12.67 -2.05 -9.97
CA ALA A 196 -12.73 -0.72 -10.56
C ALA A 196 -13.78 0.16 -9.88
N GLN A 197 -14.96 -0.41 -9.59
CA GLN A 197 -16.01 0.40 -8.98
C GLN A 197 -15.70 0.73 -7.53
N ALA A 198 -15.13 -0.23 -6.79
CA ALA A 198 -14.67 0.07 -5.44
C ALA A 198 -13.61 1.16 -5.46
N GLU A 199 -12.78 1.18 -6.50
CA GLU A 199 -11.77 2.23 -6.60
C GLU A 199 -12.42 3.60 -6.84
N LEU A 200 -13.44 3.65 -7.70
CA LEU A 200 -14.17 4.90 -7.89
C LEU A 200 -14.72 5.43 -6.56
N LEU A 201 -15.36 4.55 -5.78
CA LEU A 201 -15.91 4.98 -4.51
C LEU A 201 -14.81 5.41 -3.54
N GLU A 202 -13.69 4.69 -3.51
N GLU A 202 -13.70 4.68 -3.51
CA GLU A 202 -12.62 5.03 -2.59
CA GLU A 202 -12.59 5.00 -2.62
C GLU A 202 -11.98 6.37 -2.96
C GLU A 202 -11.99 6.36 -2.97
N GLN A 203 -11.85 6.65 -4.26
CA GLN A 203 -11.28 7.93 -4.67
C GLN A 203 -12.19 9.09 -4.28
N ALA A 204 -13.49 8.94 -4.51
CA ALA A 204 -14.43 9.95 -4.03
C ALA A 204 -14.27 10.18 -2.52
N ARG A 205 -14.24 9.09 -1.74
CA ARG A 205 -14.19 9.23 -0.28
C ARG A 205 -12.89 9.90 0.16
N GLN A 206 -11.78 9.56 -0.49
CA GLN A 206 -10.50 10.15 -0.12
C GLN A 206 -10.46 11.62 -0.49
N LYS A 207 -10.98 11.99 -1.66
CA LYS A 207 -11.08 13.41 -2.01
C LYS A 207 -11.88 14.16 -0.95
N ALA A 208 -13.01 13.59 -0.54
CA ALA A 208 -13.84 14.19 0.49
C ALA A 208 -13.06 14.38 1.78
N GLN A 209 -12.38 13.32 2.25
CA GLN A 209 -11.65 13.42 3.50
C GLN A 209 -10.50 14.42 3.42
N GLN A 210 -9.86 14.53 2.26
CA GLN A 210 -8.74 15.46 2.12
C GLN A 210 -9.23 16.90 2.16
N GLU A 211 -10.30 17.21 1.42
CA GLU A 211 -10.88 18.54 1.50
C GLU A 211 -11.35 18.86 2.92
N ARG A 212 -11.96 17.86 3.58
CA ARG A 212 -12.41 18.04 4.95
C ARG A 212 -11.25 18.33 5.89
N LEU A 213 -10.14 17.63 5.74
CA LEU A 213 -8.96 17.89 6.57
C LEU A 213 -8.43 19.30 6.33
N ILE A 214 -8.38 19.72 5.06
CA ILE A 214 -7.90 21.07 4.76
C ILE A 214 -8.76 22.11 5.47
N ASN A 215 -10.09 22.01 5.34
N ASN A 215 -10.09 21.97 5.36
CA ASN A 215 -10.90 23.05 5.97
CA ASN A 215 -10.99 22.94 5.98
C ASN A 215 -10.94 22.91 7.49
C ASN A 215 -10.94 22.86 7.50
N GLN A 216 -10.77 21.69 8.01
N GLN A 216 -10.80 21.65 8.06
CA GLN A 216 -10.72 21.51 9.46
CA GLN A 216 -10.72 21.52 9.51
C GLN A 216 -9.46 22.14 10.04
C GLN A 216 -9.44 22.13 10.07
N ILE A 217 -8.33 22.04 9.31
CA ILE A 217 -7.12 22.73 9.73
C ILE A 217 -7.29 24.23 9.65
N ALA A 218 -7.92 24.71 8.57
CA ALA A 218 -8.16 26.15 8.45
C ALA A 218 -9.09 26.66 9.56
N ALA A 219 -10.00 25.81 10.04
CA ALA A 219 -10.86 26.19 11.14
C ALA A 219 -10.05 26.52 12.39
N LEU A 220 -9.02 25.75 12.66
CA LEU A 220 -8.19 25.98 13.84
C LEU A 220 -7.11 27.01 13.61
N VAL A 221 -6.74 27.28 12.35
CA VAL A 221 -5.61 28.16 12.07
C VAL A 221 -5.94 29.60 12.46
N TYR A 222 -7.13 30.08 12.08
CA TYR A 222 -7.54 31.44 12.37
C TYR A 222 -8.28 31.57 13.70
N SER A 223 -8.28 30.52 14.51
CA SER A 223 -9.00 30.54 15.77
C SER A 223 -8.32 31.48 16.76
N PRO A 224 -9.07 32.20 17.59
CA PRO A 224 -8.47 33.14 18.54
C PRO A 224 -7.94 32.49 19.82
N LEU A 225 -7.98 31.17 19.94
CA LEU A 225 -7.47 30.50 21.12
C LEU A 225 -5.94 30.60 21.18
N HIS A 226 -5.38 30.13 22.28
CA HIS A 226 -3.94 30.18 22.48
C HIS A 226 -3.23 29.42 21.36
N PRO A 227 -2.26 30.02 20.67
CA PRO A 227 -1.63 29.34 19.52
C PRO A 227 -1.01 28.00 19.87
N GLU A 228 -0.34 27.89 21.02
CA GLU A 228 0.29 26.62 21.38
C GLU A 228 -0.74 25.52 21.57
N THR A 229 -1.97 25.89 21.94
CA THR A 229 -3.01 24.89 22.14
C THR A 229 -3.60 24.43 20.80
N THR A 230 -3.94 25.37 19.92
CA THR A 230 -4.60 25.01 18.67
C THR A 230 -3.63 24.42 17.65
N LEU A 231 -2.43 24.98 17.53
CA LEU A 231 -1.52 24.52 16.49
C LEU A 231 -0.98 23.13 16.78
N THR A 232 -0.83 22.76 18.05
CA THR A 232 -0.42 21.39 18.35
C THR A 232 -1.46 20.39 17.88
N THR A 233 -2.74 20.68 18.11
CA THR A 233 -3.80 19.83 17.57
C THR A 233 -3.83 19.88 16.04
N VAL A 234 -3.51 21.04 15.45
CA VAL A 234 -3.40 21.13 14.01
C VAL A 234 -2.37 20.14 13.49
N LEU A 235 -1.17 20.17 14.07
CA LEU A 235 -0.12 19.24 13.66
C LEU A 235 -0.52 17.79 13.92
N GLU A 236 -1.23 17.54 15.03
CA GLU A 236 -1.65 16.19 15.35
C GLU A 236 -2.62 15.65 14.32
N GLN A 237 -3.64 16.44 13.97
CA GLN A 237 -4.61 16.02 12.97
C GLN A 237 -3.98 15.92 11.59
N LEU A 238 -3.03 16.81 11.28
CA LEU A 238 -2.32 16.73 10.01
C LEU A 238 -1.55 15.41 9.91
N ALA A 239 -0.80 15.07 10.96
CA ALA A 239 -0.11 13.79 10.97
C ALA A 239 -1.09 12.62 10.87
N ALA A 240 -2.24 12.73 11.52
CA ALA A 240 -3.25 11.68 11.46
C ALA A 240 -3.73 11.46 10.03
N GLY A 241 -4.19 12.52 9.36
CA GLY A 241 -4.76 12.40 8.03
C GLY A 241 -3.77 12.02 6.96
N LEU A 242 -2.47 12.22 7.20
CA LEU A 242 -1.43 11.84 6.26
C LEU A 242 -0.67 10.60 6.72
N GLN A 243 -1.19 9.89 7.73
CA GLN A 243 -0.61 8.65 8.22
C GLN A 243 0.88 8.80 8.51
N GLY A 244 1.23 9.87 9.19
CA GLY A 244 2.61 10.16 9.55
C GLY A 244 2.83 9.92 11.03
N ILE A 245 4.02 9.42 11.37
CA ILE A 245 4.38 9.21 12.76
C ILE A 245 4.67 10.51 13.49
N GLY A 246 4.74 11.64 12.79
CA GLY A 246 4.99 12.88 13.49
C GLY A 246 4.75 14.09 12.61
N ALA A 247 4.77 15.26 13.26
CA ALA A 247 4.63 16.51 12.53
C ALA A 247 5.36 17.62 13.29
N ARG A 248 5.78 18.63 12.54
CA ARG A 248 6.61 19.69 13.08
C ARG A 248 6.33 20.99 12.32
N LEU A 249 6.38 22.11 13.03
CA LEU A 249 6.10 23.41 12.43
C LEU A 249 7.06 24.41 13.03
N ARG A 250 7.87 25.05 12.18
CA ARG A 250 8.79 26.09 12.60
C ARG A 250 8.40 27.37 11.89
N ILE A 251 8.03 28.39 12.66
CA ILE A 251 7.74 29.71 12.10
C ILE A 251 8.86 30.65 12.52
N HIS A 252 9.39 31.38 11.54
CA HIS A 252 10.46 32.34 11.74
C HIS A 252 10.12 33.53 10.83
N PHE A 253 9.27 34.42 11.32
CA PHE A 253 8.76 35.55 10.54
C PHE A 253 8.75 36.78 11.43
N GLY A 255 9.27 39.16 14.15
CA GLY A 255 9.64 38.95 15.53
C GLY A 255 9.14 37.68 16.15
N ALA A 256 8.52 36.79 15.37
CA ALA A 256 7.95 35.54 15.88
C ALA A 256 8.82 34.38 15.42
N ASP A 257 9.42 33.68 16.38
CA ASP A 257 10.18 32.46 16.13
C ASP A 257 9.64 31.40 17.09
N THR A 258 8.87 30.45 16.56
CA THR A 258 8.22 29.44 17.37
C THR A 258 8.40 28.08 16.72
N LEU A 259 8.23 27.04 17.55
CA LEU A 259 8.49 25.67 17.16
C LEU A 259 7.46 24.77 17.84
N CYS A 260 6.54 24.21 17.06
CA CYS A 260 5.55 23.27 17.57
C CYS A 260 5.85 21.88 17.04
N CYS A 261 5.63 20.88 17.89
CA CYS A 261 5.96 19.50 17.54
C CYS A 261 4.82 18.59 17.95
N HIS A 262 4.77 17.41 17.33
CA HIS A 262 3.83 16.37 17.74
C HIS A 262 4.35 15.03 17.28
N GLY A 263 4.36 14.05 18.18
CA GLY A 263 4.82 12.73 17.79
C GLY A 263 6.33 12.69 17.59
N VAL A 264 6.77 11.73 16.77
CA VAL A 264 8.20 11.53 16.56
C VAL A 264 8.80 12.76 15.89
N GLN A 265 9.95 13.18 16.41
CA GLN A 265 10.60 14.41 15.97
C GLN A 265 12.01 14.13 15.47
N PRO A 266 12.49 14.90 14.50
CA PRO A 266 13.87 14.74 14.04
C PRO A 266 14.83 15.42 14.99
N PRO A 267 16.14 15.28 14.79
CA PRO A 267 17.08 16.11 15.56
C PRO A 267 16.90 17.57 15.20
N ALA A 268 17.12 18.45 16.19
CA ALA A 268 16.84 19.87 16.00
C ALA A 268 17.62 20.46 14.83
N SER A 269 18.80 19.91 14.51
CA SER A 269 19.59 20.42 13.40
C SER A 269 18.80 20.42 12.10
N TYR A 270 17.84 19.50 11.96
CA TYR A 270 16.94 19.47 10.82
C TYR A 270 16.40 20.87 10.50
N ASP A 271 15.94 21.58 11.52
CA ASP A 271 15.44 22.93 11.30
C ASP A 271 16.47 23.78 10.57
N THR A 272 17.69 23.85 11.11
CA THR A 272 18.73 24.65 10.46
C THR A 272 19.02 24.14 9.06
N TRP A 273 18.95 22.82 8.86
CA TRP A 273 19.12 22.25 7.53
C TRP A 273 18.12 22.89 6.56
N LEU A 274 16.83 22.91 6.94
CA LEU A 274 15.83 23.49 6.06
C LEU A 274 16.08 24.97 5.78
N GLN A 275 16.79 25.67 6.67
CA GLN A 275 17.10 27.06 6.41
C GLN A 275 18.27 27.24 5.46
N GLU A 276 19.16 26.25 5.34
N GLU A 276 19.13 26.24 5.33
CA GLU A 276 20.34 26.37 4.50
CA GLU A 276 20.33 26.35 4.49
C GLU A 276 20.17 25.76 3.13
C GLU A 276 20.14 25.78 3.09
N GLN A 277 19.07 25.05 2.88
N GLN A 277 19.07 25.04 2.84
CA GLN A 277 18.74 24.53 1.56
CA GLN A 277 18.76 24.52 1.51
C GLN A 277 17.48 25.20 1.01
C GLN A 277 17.54 25.23 0.91
N LEU A 278 17.37 26.50 1.25
CA LEU A 278 16.18 27.24 0.79
C LEU A 278 16.18 27.42 -0.73
N GLY A 279 17.36 27.47 -1.35
CA GLY A 279 17.45 27.62 -2.79
C GLY A 279 17.03 26.40 -3.58
N ARG A 280 16.94 25.24 -2.95
CA ARG A 280 16.56 24.01 -3.65
C ARG A 280 15.11 24.05 -4.12
N ALA A 284 13.64 30.64 -4.18
CA ALA A 284 12.85 31.12 -3.05
C ALA A 284 11.39 30.70 -3.19
N GLY A 285 10.49 31.55 -2.68
CA GLY A 285 9.07 31.23 -2.74
C GLY A 285 8.71 30.05 -1.85
N GLY A 286 7.55 29.47 -2.14
CA GLY A 286 7.05 28.33 -1.41
C GLY A 286 7.03 27.09 -2.28
N TRP A 287 7.28 25.94 -1.66
CA TRP A 287 7.29 24.67 -2.37
C TRP A 287 6.89 23.54 -1.44
N VAL A 288 6.71 22.35 -2.01
CA VAL A 288 6.44 21.13 -1.28
C VAL A 288 7.38 20.04 -1.81
N LYS A 289 8.05 19.32 -0.89
CA LYS A 289 9.06 18.35 -1.26
C LYS A 289 8.93 17.09 -0.43
N TRP A 291 11.11 13.54 0.77
CA TRP A 291 12.45 13.00 0.96
C TRP A 291 12.38 11.69 1.72
N SER A 292 13.14 10.70 1.28
CA SER A 292 13.37 9.51 2.09
C SER A 292 14.72 9.62 2.76
N LEU A 293 14.99 8.71 3.70
CA LEU A 293 16.30 8.69 4.34
C LEU A 293 17.41 8.60 3.31
N SER A 294 17.18 7.86 2.22
CA SER A 294 18.18 7.73 1.16
C SER A 294 18.47 9.06 0.48
N HIS A 295 17.45 9.93 0.36
CA HIS A 295 17.66 11.21 -0.29
C HIS A 295 18.52 12.16 0.52
N LEU A 296 18.84 11.82 1.77
CA LEU A 296 19.70 12.65 2.60
C LEU A 296 21.15 12.16 2.61
N GLU A 297 21.61 11.60 1.47
CA GLU A 297 22.96 11.04 1.42
C GLU A 297 24.01 12.14 1.41
N LYS A 298 23.67 13.32 0.88
CA LYS A 298 24.62 14.44 0.83
C LYS A 298 25.11 14.80 2.22
N TRP A 299 24.22 14.85 3.20
CA TRP A 299 24.56 15.26 4.55
C TRP A 299 24.67 14.03 5.44
N PRO A 300 25.86 13.45 5.59
CA PRO A 300 25.95 12.17 6.30
C PRO A 300 25.67 12.27 7.78
N GLU A 301 26.00 13.40 8.41
N GLU A 301 26.01 13.40 8.40
CA GLU A 301 25.74 13.52 9.84
CA GLU A 301 25.76 13.58 9.83
C GLU A 301 24.24 13.69 10.12
C GLU A 301 24.26 13.69 10.11
N LEU A 302 23.57 14.52 9.32
CA LEU A 302 22.12 14.63 9.45
C LEU A 302 21.46 13.31 9.09
N GLN A 303 21.97 12.63 8.05
CA GLN A 303 21.43 11.33 7.66
C GLN A 303 21.54 10.33 8.81
N GLU A 304 22.67 10.32 9.51
CA GLU A 304 22.87 9.38 10.61
C GLU A 304 22.01 9.75 11.82
N GLN A 305 21.93 11.04 12.14
CA GLN A 305 21.03 11.47 13.20
C GLN A 305 19.60 11.07 12.89
N LYS A 307 18.70 8.61 10.98
CA LYS A 307 18.67 7.15 11.12
C LYS A 307 18.44 6.75 12.57
N GLN A 308 19.03 7.48 13.51
CA GLN A 308 18.91 7.11 14.92
C GLN A 308 17.49 7.40 15.40
N THR A 309 16.67 7.93 14.49
CA THR A 309 15.26 8.22 14.66
C THR A 309 14.42 7.21 13.87
N PRO A 310 13.18 6.97 14.29
CA PRO A 310 12.26 6.16 13.46
C PRO A 310 11.89 6.83 12.15
N ILE A 311 12.22 8.12 11.97
CA ILE A 311 11.80 8.84 10.77
C ILE A 311 12.54 8.32 9.55
N ARG A 312 11.80 7.94 8.52
CA ARG A 312 12.38 7.50 7.26
C ARG A 312 11.84 8.24 6.04
N GLY A 313 10.78 9.03 6.20
CA GLY A 313 10.26 9.86 5.14
C GLY A 313 9.79 11.20 5.65
N LEU A 314 9.99 12.25 4.86
CA LEU A 314 9.69 13.61 5.24
C LEU A 314 8.92 14.28 4.11
N LEU A 315 7.78 14.88 4.45
CA LEU A 315 7.00 15.72 3.55
C LEU A 315 7.10 17.14 4.10
N VAL A 316 7.75 18.03 3.35
CA VAL A 316 8.09 19.36 3.84
C VAL A 316 7.43 20.39 2.94
N ALA A 317 6.89 21.43 3.55
CA ALA A 317 6.28 22.53 2.82
C ALA A 317 6.89 23.82 3.33
N GLN A 318 7.58 24.54 2.45
CA GLN A 318 8.12 25.84 2.83
C GLN A 318 6.98 26.85 2.79
N LEU A 319 6.49 27.22 3.98
CA LEU A 319 5.47 28.24 4.10
C LEU A 319 5.99 29.56 3.55
N ALA A 320 5.47 29.98 2.40
CA ALA A 320 5.87 31.21 1.74
C ALA A 320 4.87 31.58 0.67
N TRP A 321 3.65 31.94 1.07
CA TRP A 321 2.64 32.35 0.09
C TRP A 321 3.09 33.60 -0.66
N ASN A 322 3.60 34.60 0.05
CA ASN A 322 4.24 35.74 -0.58
C ASN A 322 5.64 35.35 -1.04
N ASP A 323 6.31 36.29 -1.72
CA ASP A 323 7.63 36.01 -2.26
C ASP A 323 8.68 35.80 -1.19
N GLN A 324 8.41 36.21 0.05
CA GLN A 324 9.37 36.06 1.13
C GLN A 324 9.12 34.75 1.89
N PRO A 325 10.17 34.01 2.22
CA PRO A 325 10.00 32.79 3.02
C PRO A 325 9.49 33.12 4.41
N VAL A 326 8.60 32.28 4.93
CA VAL A 326 7.94 32.50 6.22
C VAL A 326 8.29 31.41 7.22
N GLY A 327 8.17 30.14 6.82
CA GLY A 327 8.48 29.06 7.75
C GLY A 327 8.52 27.71 7.07
N TRP A 328 8.42 26.66 7.88
CA TRP A 328 8.47 25.29 7.38
C TRP A 328 7.50 24.40 8.14
N LEU A 329 6.77 23.58 7.38
CA LEU A 329 5.80 22.64 7.93
C LEU A 329 6.16 21.24 7.44
N SER A 330 6.38 20.30 8.35
CA SER A 330 6.87 18.98 8.00
C SER A 330 5.99 17.90 8.62
N VAL A 331 5.81 16.81 7.87
CA VAL A 331 5.15 15.59 8.34
C VAL A 331 6.10 14.43 8.13
N PHE A 332 6.22 13.56 9.13
CA PHE A 332 7.21 12.50 9.14
C PHE A 332 6.54 11.14 9.18
N ARG A 333 7.03 10.23 8.32
CA ARG A 333 6.66 8.82 8.30
C ARG A 333 7.85 7.95 8.67
N GLY A 334 7.57 6.81 9.29
CA GLY A 334 8.58 5.82 9.58
C GLY A 334 8.85 4.92 8.39
N ALA A 335 9.62 3.87 8.64
CA ALA A 335 9.79 2.83 7.63
C ALA A 335 8.47 2.10 7.42
N VAL A 336 8.22 1.67 6.19
CA VAL A 336 6.91 1.09 5.90
C VAL A 336 6.78 -0.29 6.52
N TYR A 337 7.89 -1.02 6.67
CA TYR A 337 7.85 -2.35 7.27
C TYR A 337 7.26 -2.30 8.69
N GLN A 338 7.56 -1.25 9.44
N GLN A 338 7.55 -1.25 9.43
CA GLN A 338 7.06 -1.16 10.81
CA GLN A 338 7.08 -1.11 10.81
C GLN A 338 5.56 -0.88 10.85
C GLN A 338 5.60 -0.71 10.87
N GLU A 339 4.97 -0.46 9.74
CA GLU A 339 3.54 -0.13 9.71
C GLU A 339 2.64 -1.37 9.79
N THR A 340 3.20 -2.58 9.79
CA THR A 340 2.41 -3.80 9.80
C THR A 340 2.81 -4.67 10.98
N HIS A 341 1.82 -5.22 11.68
CA HIS A 341 2.04 -6.11 12.81
C HIS A 341 2.26 -7.52 12.29
N TRP A 342 3.49 -7.77 11.82
CA TRP A 342 3.81 -9.06 11.21
C TRP A 342 3.67 -10.20 12.22
N ALA A 343 3.87 -9.92 13.50
CA ALA A 343 3.78 -10.96 14.53
C ALA A 343 2.36 -11.48 14.71
N GLY A 344 1.36 -10.78 14.18
CA GLY A 344 -0.01 -11.25 14.26
C GLY A 344 -0.37 -12.35 13.29
N TYR A 345 0.53 -12.66 12.35
CA TYR A 345 0.26 -13.68 11.36
C TYR A 345 0.81 -15.03 11.81
N ARG A 346 0.15 -16.10 11.35
CA ARG A 346 0.56 -17.45 11.72
C ARG A 346 1.84 -17.86 11.01
N TRP A 347 1.97 -17.51 9.72
CA TRP A 347 3.15 -17.88 8.96
C TRP A 347 4.42 -17.23 9.49
N PHE A 348 4.31 -16.11 10.17
CA PHE A 348 5.49 -15.37 10.59
C PHE A 348 6.17 -16.03 11.79
N THR A 349 5.39 -16.54 12.74
CA THR A 349 5.95 -17.01 14.00
C THR A 349 6.04 -18.52 14.09
N GLN A 350 5.08 -19.25 13.54
CA GLN A 350 5.05 -20.70 13.74
C GLN A 350 5.94 -21.39 12.72
N GLY A 351 6.72 -22.36 13.19
CA GLY A 351 7.75 -22.97 12.37
C GLY A 351 7.29 -24.14 11.52
N ASP A 352 6.30 -23.91 10.67
CA ASP A 352 5.91 -24.91 9.69
C ASP A 352 6.94 -24.93 8.57
N PRO A 353 7.59 -26.06 8.30
CA PRO A 353 8.66 -26.07 7.29
C PRO A 353 8.20 -25.58 5.93
N ARG A 354 6.92 -25.78 5.59
CA ARG A 354 6.39 -25.31 4.33
C ARG A 354 6.43 -23.79 4.22
N GLN A 355 6.66 -23.07 5.32
CA GLN A 355 6.81 -21.63 5.31
C GLN A 355 8.25 -21.20 5.08
N GLU A 356 9.15 -22.14 4.80
CA GLU A 356 10.58 -21.81 4.69
C GLU A 356 10.82 -20.81 3.56
N LEU A 357 10.47 -21.18 2.34
CA LEU A 357 10.74 -20.33 1.19
C LEU A 357 9.90 -19.06 1.19
N PRO A 358 8.61 -19.11 1.56
CA PRO A 358 7.87 -17.85 1.72
C PRO A 358 8.55 -16.88 2.68
N LEU A 359 8.94 -17.37 3.86
CA LEU A 359 9.59 -16.49 4.84
C LEU A 359 10.89 -15.90 4.28
N ILE A 360 11.69 -16.72 3.58
CA ILE A 360 12.87 -16.20 2.92
C ILE A 360 12.49 -15.05 2.00
N SER A 361 11.45 -15.25 1.18
CA SER A 361 10.97 -14.18 0.32
C SER A 361 10.63 -12.96 1.15
N PHE A 362 9.89 -13.16 2.25
CA PHE A 362 9.55 -12.05 3.12
C PHE A 362 10.82 -11.35 3.60
N ALA A 363 11.80 -12.14 4.04
CA ALA A 363 13.07 -11.57 4.45
C ALA A 363 13.63 -10.67 3.37
N ALA A 364 13.65 -11.16 2.13
CA ALA A 364 14.13 -10.34 1.02
C ALA A 364 13.34 -9.04 0.94
N TRP A 365 12.01 -9.14 0.97
CA TRP A 365 11.20 -7.92 0.92
C TRP A 365 11.53 -7.00 2.08
N ARG A 366 11.74 -7.57 3.28
CA ARG A 366 12.07 -6.73 4.43
C ARG A 366 13.37 -5.98 4.22
N GLU A 367 14.31 -6.60 3.50
CA GLU A 367 15.58 -5.94 3.23
C GLU A 367 15.45 -4.76 2.28
N LEU A 368 14.36 -4.71 1.50
CA LEU A 368 14.16 -3.61 0.59
C LEU A 368 13.42 -2.43 1.23
N LYS A 369 12.62 -2.69 2.27
CA LYS A 369 11.74 -1.69 2.85
C LYS A 369 12.07 -1.45 4.32
N ILE A 370 13.30 -1.75 4.74
CA ILE A 370 13.67 -1.52 6.13
C ILE A 370 14.06 -0.07 6.39
N ASP A 371 14.46 0.68 5.36
CA ASP A 371 14.70 2.11 5.50
C ASP A 371 13.91 2.93 4.49
N GLU A 372 12.94 2.32 3.80
CA GLU A 372 12.16 3.03 2.80
C GLU A 372 10.77 3.33 3.35
N PRO A 373 10.32 4.57 3.29
CA PRO A 373 8.97 4.90 3.75
C PRO A 373 7.97 4.71 2.63
N LYS A 374 6.69 4.68 3.02
CA LYS A 374 5.63 4.76 2.03
C LYS A 374 5.58 6.18 1.47
N ALA A 375 5.58 6.30 0.15
CA ALA A 375 5.51 7.62 -0.47
C ALA A 375 4.13 8.23 -0.27
N TRP A 376 4.07 9.56 -0.37
CA TRP A 376 2.81 10.28 -0.33
C TRP A 376 2.33 10.52 -1.75
N SER A 377 1.01 10.46 -1.93
CA SER A 377 0.43 10.67 -3.25
C SER A 377 0.62 12.11 -3.70
N ALA A 378 0.34 12.35 -4.98
CA ALA A 378 0.34 13.72 -5.48
C ALA A 378 -0.78 14.53 -4.85
N ALA A 379 -1.92 13.90 -4.58
CA ALA A 379 -3.00 14.60 -3.88
C ALA A 379 -2.57 15.01 -2.47
N GLU A 380 -1.79 14.17 -1.79
CA GLU A 380 -1.34 14.53 -0.45
C GLU A 380 -0.34 15.67 -0.49
N GLN A 381 0.54 15.70 -1.50
CA GLN A 381 1.46 16.84 -1.63
C GLN A 381 0.70 18.11 -1.98
N GLU A 382 -0.34 18.01 -2.81
CA GLU A 382 -1.15 19.19 -3.09
C GLU A 382 -1.87 19.66 -1.82
N LEU A 383 -2.38 18.72 -1.03
CA LEU A 383 -2.97 19.06 0.26
C LEU A 383 -1.98 19.81 1.13
N SER A 385 0.54 21.56 0.11
CA SER A 385 0.70 22.89 -0.48
C SER A 385 -0.42 23.83 -0.07
N ARG A 386 -1.67 23.33 -0.08
CA ARG A 386 -2.80 24.18 0.25
C ARG A 386 -2.80 24.56 1.73
N VAL A 387 -2.55 23.58 2.60
CA VAL A 387 -2.40 23.87 4.03
C VAL A 387 -1.28 24.88 4.24
N GLY A 388 -0.19 24.75 3.49
CA GLY A 388 0.91 25.68 3.62
C GLY A 388 0.55 27.09 3.20
N VAL A 389 -0.24 27.22 2.13
CA VAL A 389 -0.69 28.54 1.70
C VAL A 389 -1.55 29.19 2.77
N HIS A 390 -2.50 28.42 3.33
CA HIS A 390 -3.32 28.93 4.43
C HIS A 390 -2.46 29.38 5.60
N LEU A 391 -1.49 28.53 5.99
CA LEU A 391 -0.62 28.83 7.12
C LEU A 391 0.17 30.11 6.88
N ALA A 392 0.81 30.21 5.71
CA ALA A 392 1.64 31.36 5.39
C ALA A 392 0.81 32.64 5.39
N LEU A 393 -0.36 32.61 4.75
CA LEU A 393 -1.19 33.81 4.72
C LEU A 393 -1.63 34.21 6.12
N SER A 394 -2.03 33.23 6.94
CA SER A 394 -2.48 33.52 8.30
C SER A 394 -1.38 34.15 9.13
N ILE A 395 -0.19 33.56 9.10
CA ILE A 395 0.93 34.08 9.89
C ILE A 395 1.35 35.45 9.40
N THR A 396 1.42 35.63 8.08
CA THR A 396 1.80 36.94 7.53
C THR A 396 0.80 38.01 7.97
N GLN A 397 -0.49 37.71 7.86
CA GLN A 397 -1.52 38.66 8.30
C GLN A 397 -1.34 39.02 9.77
N ASN A 398 -1.24 38.01 10.64
CA ASN A 398 -1.13 38.28 12.07
C ASN A 398 0.11 39.12 12.38
N GLN A 399 1.25 38.79 11.78
CA GLN A 399 2.48 39.52 12.08
C GLN A 399 2.42 40.95 11.54
N LEU A 400 1.79 41.17 10.39
CA LEU A 400 1.64 42.54 9.91
C LEU A 400 0.71 43.34 10.81
N TYR A 401 -0.37 42.71 11.30
CA TYR A 401 -1.27 43.41 12.22
C TYR A 401 -0.56 43.75 13.53
N ARG A 402 0.36 42.90 13.97
CA ARG A 402 1.09 43.20 15.20
C ARG A 402 2.22 44.20 14.97
N GLN A 403 2.77 44.27 13.75
CA GLN A 403 3.83 45.24 13.48
C GLN A 403 3.28 46.63 13.23
N LEU A 404 2.05 46.74 12.72
CA LEU A 404 1.45 48.05 12.55
C LEU A 404 1.12 48.73 13.88
N GLN A 405 1.18 48.00 14.99
CA GLN A 405 0.94 48.57 16.30
C GLN A 405 2.15 49.33 16.83
#